data_2VS1
#
_entry.id   2VS1
#
_cell.length_a   99.529
_cell.length_b   100.415
_cell.length_c   55.737
_cell.angle_alpha   90.00
_cell.angle_beta   111.61
_cell.angle_gamma   90.00
#
_symmetry.space_group_name_H-M   'C 1 2 1'
#
loop_
_entity.id
_entity.type
_entity.pdbx_description
1 polymer 'UNCHARACTERIZED RNA METHYLTRANSFERASE PYRAB10780'
2 non-polymer S-ADENOSYL-L-HOMOCYSTEINE
3 non-polymer 'PHOSPHATE ION'
4 water water
#
_entity_poly.entity_id   1
_entity_poly.type   'polypeptide(L)'
_entity_poly.pdbx_seq_one_letter_code
;MGSSHHHHHHSSGLVPRGSHMRGVIRKLNDDGFGVLKGILVPFSAPGDEIIVERVERVKKRRVASQWKLVRSSPLRVGPR
CKAFGKCGGCTLQHLNYDYQLEFKRKKLKRILGFEVEVVPSPKIFGHRNRIDLAITKDGIGFRERGKWWKIVDIDE
(CSS)PVFGKTSREAIERLKEFIEEEKISVWNIKKDEGFLRYMVLREGKFTEEVMVNFVTKEGNLPDPTNYFDFDSIYWS
VNRSKSDVSYGDIERFWGKEFIRERLDDVDYLIHPNSFFQTNSYQAVNLVRKVSELVEGEKILDMYSGVGTFGIYLAKRG
FNVKGFDSNEFAIEMARRNVEINNVDAEFEVASDREVSVKGFDTVIVDPPRAGLHPRLVKRLNREKPGVIVYVSCNPETF
ARDVKMLDYRIDEIVALDMFPHTPHVELVAKLV
;
_entity_poly.pdbx_strand_id   A
#
# COMPACT_ATOMS: atom_id res chain seq x y z
N GLY A 18 36.62 -2.79 -19.94
CA GLY A 18 36.60 -3.96 -19.00
C GLY A 18 36.16 -3.72 -17.54
N SER A 19 37.09 -3.25 -16.69
CA SER A 19 36.81 -3.17 -15.25
C SER A 19 35.81 -2.12 -14.75
N HIS A 20 35.54 -1.06 -15.54
CA HIS A 20 34.49 -0.07 -15.25
C HIS A 20 33.05 -0.67 -15.19
N MET A 21 32.92 -1.87 -15.74
CA MET A 21 31.66 -2.60 -15.90
C MET A 21 31.68 -3.83 -15.01
N ARG A 22 32.62 -3.82 -14.09
CA ARG A 22 32.81 -4.93 -13.16
C ARG A 22 33.18 -4.51 -11.76
N GLY A 23 32.69 -5.27 -10.79
CA GLY A 23 32.92 -4.89 -9.37
C GLY A 23 31.98 -5.52 -8.38
N VAL A 24 32.13 -5.16 -7.13
CA VAL A 24 31.20 -5.61 -6.09
C VAL A 24 30.28 -4.46 -5.74
N ILE A 25 29.01 -4.76 -5.54
CA ILE A 25 28.06 -3.78 -5.06
C ILE A 25 28.31 -3.49 -3.59
N ARG A 26 28.40 -2.20 -3.25
CA ARG A 26 28.71 -1.76 -1.89
C ARG A 26 27.47 -1.21 -1.19
N LYS A 27 26.52 -0.69 -1.97
CA LYS A 27 25.33 -0.02 -1.42
C LYS A 27 24.08 -0.19 -2.32
N LEU A 28 22.89 0.02 -1.77
CA LEU A 28 21.66 0.13 -2.52
C LEU A 28 21.25 1.59 -2.33
N ASN A 29 20.72 2.18 -3.38
CA ASN A 29 20.20 3.55 -3.27
C ASN A 29 18.85 3.50 -2.64
N ASP A 30 18.18 4.66 -2.58
CA ASP A 30 16.94 4.76 -1.82
C ASP A 30 15.79 3.97 -2.40
N ASP A 31 15.84 3.73 -3.71
CA ASP A 31 14.84 2.89 -4.36
C ASP A 31 15.17 1.41 -4.33
N GLY A 32 16.25 1.04 -3.60
CA GLY A 32 16.66 -0.36 -3.54
C GLY A 32 17.51 -0.94 -4.67
N PHE A 33 18.09 -0.09 -5.54
CA PHE A 33 18.89 -0.58 -6.64
C PHE A 33 20.34 -0.53 -6.14
N GLY A 34 21.07 -1.57 -6.46
CA GLY A 34 22.51 -1.58 -6.26
C GLY A 34 23.23 -0.61 -7.17
N VAL A 35 24.36 -0.12 -6.74
CA VAL A 35 25.13 0.81 -7.49
C VAL A 35 26.52 0.19 -7.73
N LEU A 36 26.90 0.08 -9.00
CA LEU A 36 28.21 -0.47 -9.31
C LEU A 36 29.02 0.63 -10.04
N LYS A 37 29.95 1.32 -9.36
CA LYS A 37 30.80 2.32 -10.04
C LYS A 37 29.89 3.32 -10.85
N GLY A 38 28.75 3.65 -10.25
CA GLY A 38 27.86 4.64 -10.83
C GLY A 38 26.68 4.00 -11.54
N ILE A 39 26.75 2.70 -11.85
CA ILE A 39 25.72 2.13 -12.76
C ILE A 39 24.62 1.68 -11.80
N LEU A 40 23.33 1.85 -12.10
CA LEU A 40 22.28 1.35 -11.26
C LEU A 40 21.99 -0.07 -11.62
N VAL A 41 21.88 -0.96 -10.66
CA VAL A 41 21.74 -2.37 -11.08
C VAL A 41 20.55 -3.00 -10.28
N PRO A 42 19.34 -3.11 -10.93
CA PRO A 42 18.24 -3.53 -10.08
C PRO A 42 18.41 -4.97 -9.67
N PHE A 43 17.88 -5.36 -8.52
CA PHE A 43 17.87 -6.76 -8.11
C PHE A 43 19.28 -7.25 -7.78
N SER A 44 20.10 -6.36 -7.22
CA SER A 44 21.42 -6.74 -6.73
C SER A 44 21.48 -6.46 -5.26
N ALA A 45 22.54 -6.95 -4.66
CA ALA A 45 22.75 -6.97 -3.25
C ALA A 45 24.13 -6.48 -2.88
N PRO A 46 24.27 -5.72 -1.74
CA PRO A 46 25.67 -5.43 -1.33
C PRO A 46 26.45 -6.72 -1.10
N GLY A 47 27.68 -6.78 -1.63
CA GLY A 47 28.55 -7.99 -1.61
C GLY A 47 28.47 -8.86 -2.86
N ASP A 48 27.51 -8.58 -3.75
CA ASP A 48 27.41 -9.28 -5.06
C ASP A 48 28.61 -8.87 -5.85
N GLU A 49 29.19 -9.80 -6.60
CA GLU A 49 30.20 -9.37 -7.51
C GLU A 49 29.59 -9.59 -8.88
N ILE A 50 29.66 -8.57 -9.74
CA ILE A 50 28.88 -8.61 -11.00
C ILE A 50 29.66 -8.08 -12.22
N ILE A 51 29.19 -8.43 -13.41
CA ILE A 51 29.65 -7.83 -14.65
C ILE A 51 28.43 -7.28 -15.39
N VAL A 52 28.46 -5.98 -15.69
CA VAL A 52 27.39 -5.29 -16.43
C VAL A 52 27.64 -5.54 -17.91
N GLU A 53 26.70 -6.23 -18.55
CA GLU A 53 26.84 -6.56 -19.97
C GLU A 53 26.27 -5.46 -20.93
N ARG A 54 25.19 -4.76 -20.52
CA ARG A 54 24.74 -3.59 -21.22
C ARG A 54 24.01 -2.64 -20.27
N VAL A 55 24.23 -1.34 -20.48
CA VAL A 55 23.54 -0.26 -19.81
C VAL A 55 22.64 0.59 -20.77
N GLU A 56 21.55 1.11 -20.22
CA GLU A 56 20.78 2.12 -20.89
C GLU A 56 20.93 3.44 -20.20
N ARG A 57 20.40 4.50 -20.80
CA ARG A 57 20.21 5.76 -20.07
C ARG A 57 18.77 5.87 -19.58
N VAL A 58 18.57 6.12 -18.29
CA VAL A 58 17.23 6.33 -17.76
C VAL A 58 17.18 7.51 -16.78
N LYS A 59 16.36 8.52 -17.08
CA LYS A 59 16.32 9.76 -16.28
C LYS A 59 17.79 10.22 -16.17
N LYS A 60 18.51 10.09 -17.29
CA LYS A 60 19.91 10.51 -17.39
C LYS A 60 20.90 9.80 -16.43
N ARG A 61 20.43 8.71 -15.76
CA ARG A 61 21.36 7.77 -15.06
C ARG A 61 21.47 6.49 -15.84
N ARG A 62 22.65 5.88 -15.76
CA ARG A 62 22.96 4.65 -16.45
C ARG A 62 22.47 3.40 -15.69
N VAL A 63 21.65 2.61 -16.33
CA VAL A 63 21.04 1.48 -15.67
C VAL A 63 21.50 0.22 -16.32
N ALA A 64 21.94 -0.79 -15.58
CA ALA A 64 22.27 -2.08 -16.18
C ALA A 64 20.99 -2.70 -16.66
N SER A 65 20.92 -3.09 -17.93
CA SER A 65 19.73 -3.78 -18.47
C SER A 65 20.02 -5.26 -18.57
N GLN A 66 21.31 -5.57 -18.79
CA GLN A 66 21.78 -6.95 -18.72
C GLN A 66 23.06 -7.00 -17.89
N TRP A 67 23.14 -7.97 -16.96
CA TRP A 67 24.30 -8.14 -16.09
C TRP A 67 24.38 -9.57 -15.67
N LYS A 68 25.58 -9.99 -15.27
CA LYS A 68 25.75 -11.37 -14.82
C LYS A 68 26.25 -11.35 -13.38
N LEU A 69 25.65 -12.20 -12.54
CA LEU A 69 26.07 -12.37 -11.13
C LEU A 69 27.27 -13.30 -11.05
N VAL A 70 28.44 -12.82 -10.62
CA VAL A 70 29.64 -13.64 -10.60
C VAL A 70 29.82 -14.27 -9.21
N ARG A 71 29.39 -13.58 -8.17
CA ARG A 71 29.59 -14.07 -6.82
C ARG A 71 28.39 -13.55 -6.04
N SER A 72 27.72 -14.45 -5.32
CA SER A 72 26.55 -14.12 -4.56
C SER A 72 26.82 -13.39 -3.26
N SER A 73 26.13 -12.27 -3.06
CA SER A 73 26.06 -11.68 -1.76
C SER A 73 25.46 -12.63 -0.69
N PRO A 74 26.00 -12.64 0.53
CA PRO A 74 25.46 -13.39 1.68
C PRO A 74 24.17 -12.75 2.22
N LEU A 75 23.72 -11.62 1.64
CA LEU A 75 22.47 -10.93 2.01
C LEU A 75 21.31 -11.42 1.18
N ARG A 76 21.60 -12.20 0.15
CA ARG A 76 20.61 -12.81 -0.71
C ARG A 76 19.86 -13.96 -0.02
N VAL A 77 18.61 -14.08 -0.47
CA VAL A 77 17.79 -15.15 -0.08
C VAL A 77 18.06 -16.17 -1.17
N LYS A 86 7.73 -14.02 -6.53
CA LYS A 86 7.78 -12.73 -7.25
C LYS A 86 6.48 -11.93 -7.22
N CYS A 87 6.61 -10.62 -7.05
CA CYS A 87 5.42 -9.75 -7.00
C CYS A 87 5.72 -8.43 -7.64
N GLY A 88 4.67 -7.72 -8.03
CA GLY A 88 4.85 -6.39 -8.66
C GLY A 88 5.22 -5.34 -7.63
N GLY A 89 6.34 -4.65 -7.83
CA GLY A 89 6.75 -3.61 -6.88
C GLY A 89 7.77 -4.08 -5.83
N CYS A 90 7.98 -5.41 -5.84
CA CYS A 90 8.78 -6.11 -4.85
C CYS A 90 10.22 -6.12 -5.25
N THR A 91 10.83 -4.96 -5.22
CA THR A 91 12.14 -4.87 -5.77
C THR A 91 13.27 -5.39 -4.79
N LEU A 92 12.89 -5.70 -3.53
CA LEU A 92 13.83 -6.14 -2.43
C LEU A 92 13.67 -7.64 -2.16
N GLN A 93 12.85 -8.31 -2.95
CA GLN A 93 12.46 -9.71 -2.68
C GLN A 93 13.60 -10.75 -2.76
N HIS A 94 14.66 -10.43 -3.48
CA HIS A 94 15.83 -11.34 -3.50
C HIS A 94 16.72 -11.15 -2.20
N LEU A 95 16.32 -10.22 -1.35
CA LEU A 95 17.09 -9.89 -0.12
C LEU A 95 16.49 -10.59 1.08
N ASN A 96 17.36 -11.12 1.94
CA ASN A 96 16.69 -11.61 3.09
C ASN A 96 16.11 -10.56 3.95
N TYR A 97 15.16 -11.00 4.74
CA TYR A 97 14.20 -10.10 5.32
C TYR A 97 14.89 -9.24 6.36
N ASP A 98 15.82 -9.87 7.12
CA ASP A 98 16.59 -9.10 8.09
C ASP A 98 17.41 -8.03 7.43
N TYR A 99 17.90 -8.25 6.25
CA TYR A 99 18.67 -7.22 5.65
C TYR A 99 17.71 -6.07 5.06
N GLN A 100 16.57 -6.45 4.49
CA GLN A 100 15.50 -5.43 4.15
C GLN A 100 15.26 -4.51 5.31
N LEU A 101 15.09 -5.09 6.50
CA LEU A 101 14.93 -4.23 7.73
C LEU A 101 16.11 -3.40 8.07
N GLU A 102 17.31 -3.94 7.85
CA GLU A 102 18.52 -3.10 8.03
C GLU A 102 18.62 -1.97 7.04
N PHE A 103 18.34 -2.26 5.75
CA PHE A 103 18.35 -1.22 4.71
C PHE A 103 17.33 -0.10 5.08
N LYS A 104 16.16 -0.49 5.57
CA LYS A 104 15.17 0.48 6.03
C LYS A 104 15.59 1.31 7.21
N ARG A 105 16.29 0.72 8.19
CA ARG A 105 16.73 1.47 9.34
C ARG A 105 17.68 2.51 8.95
N LYS A 106 18.52 2.13 8.00
CA LYS A 106 19.63 2.95 7.60
C LYS A 106 19.08 4.05 6.68
N LYS A 107 18.15 3.72 5.80
CA LYS A 107 17.47 4.71 4.94
C LYS A 107 16.83 5.79 5.79
N LEU A 108 16.03 5.38 6.76
CA LEU A 108 15.42 6.29 7.73
C LEU A 108 16.40 7.15 8.61
N LYS A 109 17.47 6.51 9.11
CA LYS A 109 18.55 7.24 9.72
C LYS A 109 19.25 8.25 8.79
N ARG A 110 19.49 7.96 7.51
CA ARG A 110 20.10 8.99 6.65
C ARG A 110 19.06 10.10 6.59
N ILE A 111 17.96 9.88 5.83
CA ILE A 111 16.83 10.84 5.79
C ILE A 111 16.47 11.68 7.08
N LEU A 112 16.08 11.07 8.20
CA LEU A 112 15.65 11.78 9.42
C LEU A 112 16.84 12.24 10.30
N GLY A 113 18.04 11.81 9.92
CA GLY A 113 19.21 12.17 10.71
C GLY A 113 19.24 11.51 12.08
N PHE A 114 18.34 10.59 12.39
CA PHE A 114 18.54 9.93 13.67
C PHE A 114 18.04 8.53 13.55
N GLU A 115 18.16 7.72 14.61
CA GLU A 115 17.83 6.31 14.51
C GLU A 115 16.37 5.95 14.89
N VAL A 116 15.78 4.98 14.17
CA VAL A 116 14.37 4.60 14.37
C VAL A 116 14.21 3.11 14.16
N GLU A 117 13.64 2.44 15.18
CA GLU A 117 13.22 1.00 15.10
C GLU A 117 12.34 0.79 13.86
N VAL A 118 12.64 -0.21 13.03
CA VAL A 118 11.61 -0.81 12.11
C VAL A 118 11.01 -2.13 12.66
N VAL A 119 9.75 -2.09 13.11
CA VAL A 119 9.06 -3.26 13.56
C VAL A 119 8.86 -4.23 12.37
N PRO A 120 9.25 -5.49 12.55
CA PRO A 120 9.11 -6.30 11.38
C PRO A 120 7.59 -6.63 11.09
N SER A 121 7.29 -6.94 9.87
CA SER A 121 5.93 -7.41 9.60
C SER A 121 5.71 -8.84 10.21
N PRO A 122 4.54 -9.08 10.92
CA PRO A 122 4.39 -10.40 11.50
C PRO A 122 4.44 -11.54 10.49
N LYS A 123 4.02 -11.30 9.24
CA LYS A 123 4.04 -12.33 8.21
C LYS A 123 4.71 -11.62 7.07
N ILE A 124 5.56 -12.30 6.32
CA ILE A 124 6.17 -11.65 5.13
C ILE A 124 5.77 -12.29 3.83
N PHE A 125 5.00 -13.37 3.94
CA PHE A 125 4.25 -13.96 2.88
C PHE A 125 2.80 -14.18 3.32
N GLY A 126 1.85 -13.93 2.42
CA GLY A 126 0.46 -14.06 2.86
C GLY A 126 0.00 -12.85 3.62
N HIS A 127 0.86 -11.87 3.82
CA HIS A 127 0.43 -10.68 4.54
C HIS A 127 -0.48 -9.65 3.75
N ARG A 128 -0.41 -9.70 2.45
CA ARG A 128 -0.98 -8.62 1.65
C ARG A 128 -2.47 -8.92 1.42
N ASN A 129 -3.39 -7.96 1.68
CA ASN A 129 -4.84 -8.32 1.60
C ASN A 129 -5.52 -7.83 0.32
N ARG A 130 -4.73 -7.38 -0.63
CA ARG A 130 -5.28 -6.90 -1.92
C ARG A 130 -4.23 -7.07 -2.97
N ILE A 131 -4.53 -7.67 -4.10
CA ILE A 131 -3.58 -7.68 -5.26
C ILE A 131 -4.31 -7.42 -6.58
N ASP A 132 -3.65 -6.74 -7.52
CA ASP A 132 -4.20 -6.55 -8.86
C ASP A 132 -3.49 -7.45 -9.87
N LEU A 133 -4.16 -8.40 -10.48
CA LEU A 133 -3.54 -9.21 -11.54
C LEU A 133 -3.98 -8.73 -12.91
N ALA A 134 -3.07 -8.22 -13.71
CA ALA A 134 -3.39 -7.98 -15.14
C ALA A 134 -3.73 -9.25 -15.88
N ILE A 135 -4.77 -9.20 -16.69
CA ILE A 135 -5.22 -10.42 -17.34
C ILE A 135 -5.01 -10.21 -18.85
N THR A 136 -4.05 -10.92 -19.41
CA THR A 136 -3.56 -10.43 -20.71
C THR A 136 -3.44 -11.56 -21.66
N LYS A 137 -3.17 -11.18 -22.89
CA LYS A 137 -3.23 -12.15 -23.98
C LYS A 137 -2.22 -13.30 -23.74
N ASP A 138 -1.09 -12.97 -23.15
CA ASP A 138 -0.03 -13.97 -22.86
C ASP A 138 0.11 -14.51 -21.42
N GLY A 139 -0.91 -14.33 -20.60
CA GLY A 139 -0.74 -14.58 -19.19
C GLY A 139 -1.43 -13.66 -18.23
N ILE A 140 -1.70 -14.23 -17.05
CA ILE A 140 -2.23 -13.56 -15.83
C ILE A 140 -1.06 -13.30 -14.85
N GLY A 141 -0.88 -12.04 -14.44
CA GLY A 141 0.17 -11.73 -13.49
C GLY A 141 0.38 -10.25 -13.38
N PHE A 142 1.62 -9.83 -13.43
CA PHE A 142 1.91 -8.42 -13.13
C PHE A 142 2.88 -7.90 -14.19
N ARG A 143 3.05 -6.58 -14.32
CA ARG A 143 3.97 -6.10 -15.36
C ARG A 143 5.45 -6.16 -14.96
N GLU A 144 6.31 -6.50 -15.92
CA GLU A 144 7.71 -6.89 -15.63
C GLU A 144 8.58 -5.95 -14.75
N LYS A 147 9.23 -2.67 -18.21
CA LYS A 147 8.51 -3.40 -19.28
C LYS A 147 6.96 -3.33 -19.25
N TRP A 148 6.38 -2.16 -19.51
CA TRP A 148 4.90 -2.02 -19.53
C TRP A 148 4.11 -3.07 -20.43
N TRP A 149 4.75 -3.60 -21.49
CA TRP A 149 4.06 -4.45 -22.47
C TRP A 149 4.01 -5.87 -21.97
N LYS A 150 5.01 -6.20 -21.15
CA LYS A 150 5.38 -7.60 -20.90
C LYS A 150 4.91 -8.05 -19.54
N ILE A 151 3.97 -8.98 -19.57
CA ILE A 151 3.40 -9.64 -18.42
C ILE A 151 4.28 -10.79 -17.90
N VAL A 152 4.45 -10.88 -16.57
CA VAL A 152 4.97 -12.05 -15.89
C VAL A 152 3.85 -12.95 -15.49
N ASP A 153 3.73 -14.11 -16.11
CA ASP A 153 2.65 -15.04 -15.82
C ASP A 153 2.95 -15.82 -14.51
N ILE A 154 1.98 -15.84 -13.59
CA ILE A 154 2.13 -16.49 -12.31
C ILE A 154 0.93 -17.37 -12.05
N ASP A 155 1.16 -18.39 -11.22
CA ASP A 155 0.12 -19.32 -10.81
C ASP A 155 -0.35 -19.01 -9.42
N GLU A 156 0.41 -18.19 -8.72
CA GLU A 156 0.13 -17.82 -7.35
C GLU A 156 0.93 -16.61 -6.98
N PRO A 158 2.69 -15.14 -3.78
CA PRO A 158 2.92 -15.46 -2.39
C PRO A 158 2.73 -14.32 -1.43
N VAL A 159 3.00 -13.09 -1.80
CA VAL A 159 2.73 -12.00 -0.80
C VAL A 159 1.22 -11.97 -0.43
N PHE A 160 0.31 -12.36 -1.37
CA PHE A 160 -1.17 -12.40 -1.07
C PHE A 160 -1.48 -13.68 -0.41
N GLY A 161 -0.94 -14.79 -1.00
CA GLY A 161 -1.00 -16.08 -0.34
C GLY A 161 -1.84 -17.06 -1.09
N LYS A 162 -2.24 -18.13 -0.43
CA LYS A 162 -2.75 -19.28 -1.17
C LYS A 162 -4.10 -19.05 -1.85
N THR A 163 -4.85 -18.05 -1.37
CA THR A 163 -6.11 -17.77 -2.07
C THR A 163 -5.86 -17.41 -3.53
N SER A 164 -4.72 -16.81 -3.86
CA SER A 164 -4.47 -16.38 -5.23
C SER A 164 -4.31 -17.56 -6.19
N ARG A 165 -3.76 -18.67 -5.73
CA ARG A 165 -3.65 -19.89 -6.59
C ARG A 165 -5.04 -20.35 -7.04
N GLU A 166 -5.95 -20.50 -6.08
CA GLU A 166 -7.33 -20.91 -6.40
C GLU A 166 -8.00 -19.85 -7.29
N ALA A 167 -7.87 -18.56 -6.94
CA ALA A 167 -8.51 -17.53 -7.76
C ALA A 167 -8.02 -17.61 -9.24
N ILE A 168 -6.70 -17.68 -9.42
CA ILE A 168 -6.13 -17.72 -10.78
C ILE A 168 -6.51 -18.99 -11.55
N GLU A 169 -6.55 -20.17 -10.94
CA GLU A 169 -7.01 -21.33 -11.76
C GLU A 169 -8.50 -21.25 -12.11
N ARG A 170 -9.35 -20.78 -11.20
CA ARG A 170 -10.78 -20.55 -11.49
C ARG A 170 -10.97 -19.49 -12.61
N LEU A 171 -10.15 -18.42 -12.57
CA LEU A 171 -10.15 -17.38 -13.59
C LEU A 171 -9.79 -17.94 -14.97
N LYS A 172 -8.73 -18.79 -15.08
CA LYS A 172 -8.50 -19.42 -16.38
C LYS A 172 -9.65 -20.29 -16.83
N GLU A 173 -10.33 -21.02 -15.96
CA GLU A 173 -11.48 -21.74 -16.47
C GLU A 173 -12.63 -20.85 -17.01
N PHE A 174 -12.83 -19.70 -16.33
CA PHE A 174 -13.90 -18.72 -16.58
C PHE A 174 -13.64 -18.17 -17.98
N ILE A 175 -12.45 -17.71 -18.22
CA ILE A 175 -12.08 -17.07 -19.46
C ILE A 175 -12.16 -18.02 -20.68
N GLU A 176 -11.69 -19.25 -20.46
CA GLU A 176 -11.70 -20.28 -21.51
C GLU A 176 -13.12 -20.79 -21.81
N GLU A 177 -13.91 -21.14 -20.79
CA GLU A 177 -15.24 -21.64 -21.03
C GLU A 177 -16.18 -20.56 -21.61
N GLU A 178 -15.97 -19.32 -21.17
CA GLU A 178 -16.82 -18.21 -21.59
C GLU A 178 -16.20 -17.47 -22.77
N LYS A 179 -15.00 -17.86 -23.16
CA LYS A 179 -14.34 -17.23 -24.29
C LYS A 179 -14.22 -15.73 -24.10
N ILE A 180 -13.69 -15.34 -22.92
CA ILE A 180 -13.69 -13.92 -22.57
C ILE A 180 -12.52 -13.21 -23.25
N SER A 181 -12.80 -12.05 -23.82
CA SER A 181 -11.80 -11.18 -24.41
C SER A 181 -10.87 -10.52 -23.35
N VAL A 182 -9.55 -10.68 -23.51
CA VAL A 182 -8.67 -10.34 -22.40
C VAL A 182 -7.86 -9.22 -22.97
N TRP A 183 -7.06 -8.61 -22.14
CA TRP A 183 -6.38 -7.42 -22.51
C TRP A 183 -5.21 -7.74 -23.50
N ASN A 184 -5.26 -7.09 -24.69
CA ASN A 184 -4.09 -7.05 -25.56
C ASN A 184 -3.33 -5.79 -25.26
N ILE A 185 -2.24 -5.87 -24.49
CA ILE A 185 -1.58 -4.68 -23.99
C ILE A 185 -0.72 -3.90 -25.04
N LYS A 186 -0.39 -4.52 -26.16
CA LYS A 186 0.46 -3.82 -27.14
C LYS A 186 -0.45 -2.78 -27.79
N LYS A 187 -1.63 -3.28 -28.18
CA LYS A 187 -2.65 -2.46 -28.80
C LYS A 187 -3.62 -1.74 -27.85
N ASP A 188 -3.45 -1.97 -26.54
CA ASP A 188 -4.40 -1.52 -25.56
C ASP A 188 -5.82 -1.76 -25.93
N GLU A 189 -6.19 -3.03 -26.16
CA GLU A 189 -7.54 -3.40 -26.46
C GLU A 189 -7.89 -4.57 -25.67
N GLY A 190 -9.18 -4.89 -25.66
CA GLY A 190 -9.64 -6.09 -25.01
C GLY A 190 -10.56 -5.69 -23.87
N PHE A 191 -11.47 -6.60 -23.54
CA PHE A 191 -12.52 -6.40 -22.56
C PHE A 191 -12.03 -6.52 -21.09
N LEU A 192 -11.59 -7.73 -20.71
CA LEU A 192 -11.14 -8.00 -19.33
C LEU A 192 -9.71 -7.55 -19.06
N ARG A 193 -9.54 -6.68 -18.09
CA ARG A 193 -8.23 -6.12 -17.86
C ARG A 193 -7.57 -6.58 -16.48
N TYR A 194 -8.29 -6.55 -15.35
CA TYR A 194 -7.71 -6.98 -14.02
C TYR A 194 -8.66 -7.85 -13.30
N MET A 195 -8.11 -8.85 -12.60
CA MET A 195 -8.75 -9.46 -11.45
C MET A 195 -8.05 -8.88 -10.18
N VAL A 196 -8.82 -8.23 -9.32
CA VAL A 196 -8.27 -7.64 -8.14
C VAL A 196 -8.84 -8.52 -7.01
N LEU A 197 -7.96 -9.09 -6.20
CA LEU A 197 -8.42 -10.07 -5.16
C LEU A 197 -8.23 -9.36 -3.88
N ARG A 198 -9.17 -9.52 -2.97
CA ARG A 198 -9.08 -8.90 -1.63
C ARG A 198 -9.52 -9.98 -0.64
N GLU A 199 -8.93 -9.95 0.52
CA GLU A 199 -9.29 -10.99 1.49
C GLU A 199 -9.12 -10.46 2.91
N GLY A 200 -10.00 -10.89 3.83
CA GLY A 200 -9.85 -10.48 5.24
C GLY A 200 -8.92 -11.55 5.86
N LYS A 201 -7.71 -11.18 6.28
CA LYS A 201 -6.80 -12.20 6.92
C LYS A 201 -7.40 -12.78 8.21
N PHE A 202 -8.14 -11.97 8.96
CA PHE A 202 -8.70 -12.44 10.18
C PHE A 202 -10.14 -12.88 10.07
N THR A 203 -10.72 -12.87 8.86
CA THR A 203 -12.13 -13.27 8.76
C THR A 203 -12.20 -14.39 7.79
N GLU A 204 -11.15 -14.60 6.98
CA GLU A 204 -11.22 -15.56 5.88
C GLU A 204 -12.30 -15.33 4.82
N GLU A 205 -12.76 -14.09 4.71
CA GLU A 205 -13.68 -13.68 3.63
C GLU A 205 -12.84 -13.24 2.44
N VAL A 206 -13.28 -13.58 1.23
CA VAL A 206 -12.60 -13.28 0.02
C VAL A 206 -13.51 -12.56 -1.00
N MET A 207 -12.97 -11.47 -1.58
CA MET A 207 -13.65 -10.73 -2.62
C MET A 207 -12.84 -10.72 -3.94
N VAL A 208 -13.52 -11.02 -5.07
CA VAL A 208 -12.90 -10.91 -6.38
C VAL A 208 -13.60 -9.75 -7.13
N ASN A 209 -12.82 -8.92 -7.78
CA ASN A 209 -13.34 -7.81 -8.59
C ASN A 209 -12.73 -7.96 -10.01
N PHE A 210 -13.60 -8.06 -11.02
CA PHE A 210 -13.25 -8.00 -12.42
C PHE A 210 -13.32 -6.65 -12.94
N VAL A 211 -12.18 -6.07 -13.32
CA VAL A 211 -12.13 -4.78 -14.01
C VAL A 211 -12.03 -4.86 -15.55
N THR A 212 -13.07 -4.32 -16.23
CA THR A 212 -13.19 -4.52 -17.66
C THR A 212 -13.36 -3.18 -18.36
N LYS A 213 -13.37 -3.23 -19.70
CA LYS A 213 -13.92 -2.12 -20.45
C LYS A 213 -15.40 -2.32 -20.62
N GLU A 214 -15.98 -1.49 -21.51
CA GLU A 214 -17.44 -1.55 -21.73
C GLU A 214 -17.77 -2.86 -22.38
N GLY A 215 -18.87 -3.49 -22.08
CA GLY A 215 -19.22 -4.76 -22.73
C GLY A 215 -19.94 -5.59 -21.69
N ASN A 216 -20.00 -6.93 -21.79
CA ASN A 216 -20.86 -7.72 -20.90
C ASN A 216 -20.08 -8.86 -20.33
N LEU A 217 -20.11 -8.99 -19.02
CA LEU A 217 -19.36 -10.06 -18.34
C LEU A 217 -20.34 -11.16 -18.11
N PRO A 218 -19.98 -12.41 -18.48
CA PRO A 218 -20.93 -13.49 -18.21
C PRO A 218 -21.05 -13.72 -16.73
N ASP A 219 -22.13 -14.34 -16.27
CA ASP A 219 -22.35 -14.73 -14.89
C ASP A 219 -21.10 -15.53 -14.35
N PRO A 220 -20.38 -14.99 -13.35
CA PRO A 220 -19.19 -15.63 -12.80
C PRO A 220 -19.50 -16.55 -11.66
N THR A 221 -20.78 -16.66 -11.33
CA THR A 221 -21.21 -17.34 -10.11
C THR A 221 -20.68 -18.77 -9.99
N ASN A 222 -20.95 -19.63 -10.96
CA ASN A 222 -20.59 -20.98 -10.78
C ASN A 222 -19.11 -21.28 -11.01
N TYR A 223 -18.26 -20.28 -11.17
CA TYR A 223 -16.83 -20.52 -11.38
C TYR A 223 -16.01 -20.20 -10.13
N PHE A 224 -16.58 -19.47 -9.19
CA PHE A 224 -15.78 -19.05 -8.00
C PHE A 224 -16.49 -19.49 -6.71
N ASP A 225 -15.76 -19.59 -5.62
CA ASP A 225 -16.42 -19.97 -4.37
C ASP A 225 -15.98 -18.91 -3.35
N PHE A 226 -16.18 -17.63 -3.64
CA PHE A 226 -15.67 -16.57 -2.78
C PHE A 226 -16.91 -15.86 -2.17
N ASP A 227 -16.74 -14.99 -1.17
CA ASP A 227 -17.88 -14.37 -0.48
C ASP A 227 -18.57 -13.31 -1.37
N SER A 228 -17.79 -12.60 -2.19
CA SER A 228 -18.27 -11.43 -3.03
C SER A 228 -17.56 -11.49 -4.36
N ILE A 229 -18.31 -11.31 -5.45
CA ILE A 229 -17.75 -11.13 -6.78
C ILE A 229 -18.27 -9.79 -7.31
N TYR A 230 -17.33 -8.93 -7.70
CA TYR A 230 -17.66 -7.69 -8.30
C TYR A 230 -17.29 -7.67 -9.77
N TRP A 231 -18.13 -6.94 -10.56
CA TRP A 231 -17.80 -6.44 -11.87
C TRP A 231 -17.73 -4.87 -11.88
N SER A 232 -16.54 -4.38 -12.21
CA SER A 232 -16.27 -2.93 -12.32
C SER A 232 -15.91 -2.62 -13.81
N VAL A 233 -16.46 -1.51 -14.30
CA VAL A 233 -16.16 -1.01 -15.68
C VAL A 233 -15.42 0.23 -15.55
N ASN A 234 -14.24 0.23 -16.09
CA ASN A 234 -13.40 1.44 -16.14
C ASN A 234 -13.68 2.16 -17.44
N ARG A 235 -14.51 3.24 -17.37
CA ARG A 235 -14.85 4.01 -18.53
C ARG A 235 -13.84 5.11 -18.81
N SER A 236 -12.83 5.27 -17.98
CA SER A 236 -11.81 6.19 -18.29
C SER A 236 -10.81 5.60 -19.34
N LYS A 237 -10.03 6.50 -19.95
CA LYS A 237 -8.86 6.13 -20.72
C LYS A 237 -7.65 5.75 -19.88
N SER A 238 -7.67 5.90 -18.57
CA SER A 238 -6.48 5.41 -17.81
C SER A 238 -6.38 3.89 -17.61
N ASP A 239 -5.17 3.43 -17.36
CA ASP A 239 -4.94 2.05 -16.97
C ASP A 239 -4.99 1.99 -15.44
N VAL A 240 -6.18 1.70 -14.94
CA VAL A 240 -6.38 1.70 -13.52
C VAL A 240 -6.96 0.36 -13.25
N SER A 241 -6.69 -0.17 -12.07
CA SER A 241 -7.23 -1.51 -11.66
C SER A 241 -8.48 -1.30 -10.80
N TYR A 242 -9.26 -0.27 -11.13
CA TYR A 242 -10.60 -0.14 -10.56
C TYR A 242 -11.52 0.46 -11.66
N GLY A 243 -12.81 0.33 -11.48
CA GLY A 243 -13.74 1.20 -12.23
C GLY A 243 -15.08 1.37 -11.49
N ASP A 244 -16.08 1.84 -12.24
CA ASP A 244 -17.41 1.99 -11.69
C ASP A 244 -18.08 0.72 -11.50
N ILE A 245 -18.74 0.60 -10.35
CA ILE A 245 -19.30 -0.62 -10.00
C ILE A 245 -20.50 -0.89 -10.98
N GLU A 246 -20.47 -2.01 -11.68
CA GLU A 246 -21.45 -2.33 -12.64
C GLU A 246 -22.41 -3.33 -12.01
N ARG A 247 -21.89 -4.20 -11.12
CA ARG A 247 -22.74 -5.20 -10.55
C ARG A 247 -21.95 -5.99 -9.57
N PHE A 248 -22.62 -6.72 -8.70
CA PHE A 248 -21.90 -7.61 -7.76
C PHE A 248 -22.78 -8.80 -7.49
N TRP A 249 -22.18 -9.94 -7.10
CA TRP A 249 -22.88 -11.13 -6.68
C TRP A 249 -22.39 -11.52 -5.24
N GLY A 250 -23.21 -12.22 -4.47
CA GLY A 250 -22.84 -12.54 -3.14
C GLY A 250 -22.86 -11.34 -2.20
N LYS A 251 -21.91 -11.24 -1.24
CA LYS A 251 -21.85 -10.12 -0.32
C LYS A 251 -21.51 -8.80 -0.99
N GLU A 252 -22.13 -7.72 -0.51
CA GLU A 252 -21.78 -6.42 -0.98
C GLU A 252 -20.43 -5.94 -0.46
N PHE A 253 -20.10 -6.44 0.73
CA PHE A 253 -18.86 -6.07 1.39
C PHE A 253 -18.22 -7.32 1.99
N ILE A 254 -16.91 -7.43 2.12
CA ILE A 254 -16.40 -8.40 3.12
C ILE A 254 -15.85 -7.57 4.26
N ARG A 255 -15.25 -8.21 5.24
CA ARG A 255 -14.80 -7.56 6.43
C ARG A 255 -13.35 -7.93 6.70
N GLU A 256 -12.62 -6.97 7.29
CA GLU A 256 -11.37 -7.31 7.91
C GLU A 256 -11.54 -6.90 9.35
N ARG A 257 -10.78 -7.54 10.24
CA ARG A 257 -10.97 -7.28 11.68
C ARG A 257 -9.61 -7.01 12.32
N LEU A 258 -9.48 -5.86 12.97
CA LEU A 258 -8.24 -5.47 13.62
C LEU A 258 -8.59 -5.36 15.10
N ASP A 259 -8.21 -6.44 15.87
CA ASP A 259 -8.53 -6.62 17.31
C ASP A 259 -10.04 -6.67 17.50
N ASP A 260 -10.61 -5.68 18.16
CA ASP A 260 -12.06 -5.80 18.35
C ASP A 260 -12.89 -5.02 17.23
N VAL A 261 -12.22 -4.50 16.19
CA VAL A 261 -12.85 -3.57 15.19
C VAL A 261 -13.04 -4.18 13.80
N ASP A 262 -14.27 -4.10 13.26
CA ASP A 262 -14.55 -4.63 11.93
C ASP A 262 -14.55 -3.47 10.95
N TYR A 263 -14.05 -3.78 9.78
CA TYR A 263 -14.04 -2.78 8.66
C TYR A 263 -14.55 -3.46 7.41
N LEU A 264 -15.47 -2.77 6.78
CA LEU A 264 -16.09 -3.23 5.51
C LEU A 264 -15.15 -2.97 4.39
N ILE A 265 -14.96 -3.98 3.57
CA ILE A 265 -14.06 -3.81 2.46
C ILE A 265 -14.93 -3.74 1.15
N HIS A 266 -14.60 -2.78 0.32
CA HIS A 266 -15.23 -2.51 -0.96
C HIS A 266 -14.17 -2.31 -2.03
N PRO A 267 -14.44 -2.75 -3.26
CA PRO A 267 -13.41 -2.55 -4.36
C PRO A 267 -12.90 -1.12 -4.51
N ASN A 268 -13.72 -0.12 -4.20
CA ASN A 268 -13.26 1.19 -4.50
C ASN A 268 -12.89 2.01 -3.29
N SER A 269 -12.73 1.40 -2.15
CA SER A 269 -12.14 2.13 -1.04
C SER A 269 -10.79 1.58 -0.58
N PHE A 270 -9.98 2.45 -0.02
CA PHE A 270 -8.65 2.13 0.40
C PHE A 270 -8.74 1.47 1.78
N PHE A 271 -7.90 0.43 1.95
CA PHE A 271 -7.63 -0.12 3.24
C PHE A 271 -6.14 -0.51 3.32
N GLN A 272 -5.58 -0.24 4.49
CA GLN A 272 -4.18 -0.66 4.84
C GLN A 272 -3.94 -2.03 4.20
N THR A 273 -2.89 -2.16 3.37
CA THR A 273 -2.66 -3.38 2.62
C THR A 273 -2.04 -4.62 3.32
N ASN A 274 -1.46 -4.40 4.50
CA ASN A 274 -0.85 -5.57 5.24
C ASN A 274 -1.66 -5.65 6.53
N SER A 275 -2.57 -6.63 6.62
CA SER A 275 -3.53 -6.68 7.71
C SER A 275 -2.83 -6.94 9.06
N TYR A 276 -1.81 -7.81 9.05
CA TYR A 276 -1.01 -8.09 10.30
C TYR A 276 -0.22 -6.89 10.75
N GLN A 277 0.48 -6.15 9.88
CA GLN A 277 1.01 -4.86 10.46
C GLN A 277 0.00 -3.77 10.78
N ALA A 278 -1.11 -3.76 10.10
CA ALA A 278 -2.19 -2.78 10.39
C ALA A 278 -2.65 -2.97 11.85
N VAL A 279 -2.64 -4.19 12.38
CA VAL A 279 -2.94 -4.41 13.79
C VAL A 279 -2.01 -3.58 14.73
N ASN A 280 -0.68 -3.61 14.45
CA ASN A 280 0.33 -2.88 15.17
C ASN A 280 0.19 -1.42 14.94
N LEU A 281 -0.20 -1.10 13.70
CA LEU A 281 -0.36 0.32 13.39
C LEU A 281 -1.52 0.95 14.25
N VAL A 282 -2.71 0.34 14.24
CA VAL A 282 -3.82 0.93 15.00
C VAL A 282 -3.45 0.92 16.53
N ARG A 283 -2.85 -0.18 16.99
CA ARG A 283 -2.46 -0.33 18.48
C ARG A 283 -1.55 0.78 18.84
N LYS A 284 -0.54 0.99 18.02
CA LYS A 284 0.40 2.06 18.23
C LYS A 284 -0.16 3.51 18.24
N VAL A 285 -0.99 3.89 17.25
CA VAL A 285 -1.59 5.20 17.26
C VAL A 285 -2.42 5.39 18.52
N SER A 286 -3.14 4.37 18.93
CA SER A 286 -3.95 4.57 20.11
C SER A 286 -3.15 4.72 21.44
N GLU A 287 -1.88 4.25 21.47
CA GLU A 287 -0.90 4.43 22.54
C GLU A 287 -0.28 5.79 22.47
N LEU A 288 -0.26 6.39 21.30
CA LEU A 288 0.45 7.62 21.23
C LEU A 288 -0.48 8.81 21.45
N VAL A 289 -1.81 8.62 21.37
CA VAL A 289 -2.66 9.84 21.41
C VAL A 289 -2.83 10.39 22.87
N GLU A 290 -3.05 11.71 22.96
CA GLU A 290 -3.41 12.25 24.27
C GLU A 290 -4.78 12.95 24.28
N GLY A 291 -5.57 12.60 25.29
CA GLY A 291 -6.73 13.38 25.65
C GLY A 291 -8.00 12.61 25.47
N GLU A 292 -9.05 13.35 25.12
CA GLU A 292 -10.36 12.73 24.93
C GLU A 292 -10.88 13.14 23.55
N LYS A 293 -10.41 14.28 23.09
CA LYS A 293 -10.87 14.88 21.88
C LYS A 293 -9.87 14.52 20.79
N ILE A 294 -10.28 13.62 19.89
CA ILE A 294 -9.41 13.30 18.73
C ILE A 294 -9.94 13.75 17.43
N LEU A 295 -9.18 14.56 16.70
CA LEU A 295 -9.36 14.74 15.26
C LEU A 295 -8.56 13.64 14.41
N ASP A 296 -9.27 12.65 13.84
CA ASP A 296 -8.76 11.76 12.74
C ASP A 296 -8.73 12.50 11.38
N MET A 297 -7.71 13.33 11.15
CA MET A 297 -7.58 14.01 9.92
C MET A 297 -6.97 13.11 8.78
N TYR A 298 -7.56 13.22 7.57
CA TYR A 298 -7.30 12.35 6.41
C TYR A 298 -7.74 10.93 6.81
N SER A 299 -8.95 10.75 7.33
CA SER A 299 -9.32 9.53 8.04
C SER A 299 -9.42 8.32 7.11
N GLY A 300 -9.67 8.59 5.84
CA GLY A 300 -10.06 7.49 4.95
C GLY A 300 -11.34 6.95 5.51
N VAL A 301 -11.43 5.62 5.49
CA VAL A 301 -12.55 4.86 5.99
C VAL A 301 -12.66 4.75 7.50
N GLY A 302 -11.80 5.47 8.21
CA GLY A 302 -11.97 5.62 9.70
C GLY A 302 -11.14 4.58 10.49
N THR A 303 -10.14 3.96 9.84
CA THR A 303 -9.25 3.01 10.57
C THR A 303 -8.89 3.43 12.00
N PHE A 304 -8.22 4.57 12.18
CA PHE A 304 -7.71 5.05 13.49
C PHE A 304 -8.89 5.70 14.32
N GLY A 305 -9.74 6.55 13.69
CA GLY A 305 -10.87 7.17 14.46
C GLY A 305 -11.72 6.07 15.08
N ILE A 306 -12.08 5.07 14.32
CA ILE A 306 -13.04 4.13 14.81
C ILE A 306 -12.44 3.15 15.80
N TYR A 307 -11.14 2.85 15.64
CA TYR A 307 -10.47 1.94 16.62
C TYR A 307 -10.43 2.76 17.94
N LEU A 308 -10.08 4.06 17.88
CA LEU A 308 -10.12 4.95 19.03
C LEU A 308 -11.51 5.25 19.61
N ALA A 309 -12.58 5.32 18.80
CA ALA A 309 -13.94 5.48 19.29
C ALA A 309 -14.30 4.25 20.09
N LYS A 310 -13.72 3.14 19.75
CA LYS A 310 -14.14 1.93 20.45
C LYS A 310 -13.40 1.80 21.82
N ARG A 311 -12.43 2.67 22.05
CA ARG A 311 -11.69 2.69 23.30
C ARG A 311 -11.96 4.05 23.85
N GLY A 312 -13.24 4.40 23.67
CA GLY A 312 -13.93 5.49 24.33
C GLY A 312 -13.36 6.86 24.15
N PHE A 313 -12.55 7.06 23.12
CA PHE A 313 -12.19 8.43 22.83
C PHE A 313 -13.33 9.15 22.11
N ASN A 314 -13.15 10.46 21.97
CA ASN A 314 -14.10 11.30 21.34
C ASN A 314 -13.62 11.78 19.98
N VAL A 315 -14.28 11.25 18.94
CA VAL A 315 -13.68 11.31 17.60
C VAL A 315 -14.43 12.00 16.54
N LYS A 316 -13.79 12.90 15.82
CA LYS A 316 -14.28 13.63 14.64
C LYS A 316 -13.19 13.31 13.53
N GLY A 317 -13.60 12.90 12.36
CA GLY A 317 -12.60 12.72 11.28
C GLY A 317 -13.09 13.37 10.03
N PHE A 318 -12.14 13.64 9.14
CA PHE A 318 -12.38 14.39 7.99
C PHE A 318 -11.52 13.79 6.92
N ASP A 319 -12.10 13.73 5.71
CA ASP A 319 -11.41 13.24 4.54
C ASP A 319 -12.12 13.92 3.36
N SER A 320 -11.35 14.29 2.33
CA SER A 320 -11.95 14.91 1.17
C SER A 320 -12.57 13.87 0.24
N ASN A 321 -12.32 12.58 0.45
CA ASN A 321 -12.88 11.65 -0.44
C ASN A 321 -14.30 11.26 0.04
N GLU A 322 -15.31 11.55 -0.78
CA GLU A 322 -16.70 11.27 -0.32
C GLU A 322 -17.04 9.83 -0.05
N PHE A 323 -16.54 8.93 -0.89
CA PHE A 323 -16.86 7.56 -0.74
C PHE A 323 -16.13 6.98 0.50
N ALA A 324 -14.89 7.39 0.74
CA ALA A 324 -14.23 7.01 2.01
C ALA A 324 -15.11 7.33 3.22
N ILE A 325 -15.65 8.56 3.25
CA ILE A 325 -16.52 8.98 4.34
C ILE A 325 -17.71 8.17 4.41
N GLU A 326 -18.36 7.84 3.29
CA GLU A 326 -19.50 6.91 3.37
C GLU A 326 -19.14 5.55 4.02
N MET A 327 -17.99 5.00 3.63
CA MET A 327 -17.53 3.74 4.20
C MET A 327 -17.22 3.94 5.71
N ALA A 328 -16.61 5.06 6.08
CA ALA A 328 -16.30 5.36 7.55
C ALA A 328 -17.58 5.33 8.34
N ARG A 329 -18.63 6.01 7.81
CA ARG A 329 -19.96 5.92 8.43
C ARG A 329 -20.54 4.54 8.37
N ARG A 330 -20.45 3.78 7.29
CA ARG A 330 -20.94 2.40 7.45
C ARG A 330 -20.16 1.60 8.57
N ASN A 331 -18.87 1.86 8.67
CA ASN A 331 -18.00 1.17 9.64
C ASN A 331 -18.39 1.60 11.09
N VAL A 332 -18.78 2.87 11.30
CA VAL A 332 -19.20 3.34 12.60
C VAL A 332 -20.42 2.59 13.05
N GLU A 333 -21.37 2.48 12.14
CA GLU A 333 -22.58 1.66 12.37
C GLU A 333 -22.30 0.21 12.76
N ILE A 334 -21.44 -0.52 12.07
CA ILE A 334 -21.31 -1.93 12.38
C ILE A 334 -20.51 -2.18 13.69
N ASN A 335 -19.89 -1.15 14.25
CA ASN A 335 -18.94 -1.22 15.41
C ASN A 335 -19.51 -0.67 16.74
N ASN A 336 -20.76 -0.25 16.64
CA ASN A 336 -21.58 0.42 17.69
C ASN A 336 -20.93 1.47 18.47
N VAL A 337 -20.22 2.31 17.77
CA VAL A 337 -19.55 3.36 18.40
C VAL A 337 -20.30 4.56 17.87
N ASP A 338 -19.88 5.72 18.32
CA ASP A 338 -20.36 7.02 18.03
C ASP A 338 -19.05 7.77 17.69
N ALA A 339 -18.88 8.13 16.44
CA ALA A 339 -17.70 8.81 15.95
C ALA A 339 -18.29 9.58 14.78
N GLU A 340 -17.85 10.80 14.56
CA GLU A 340 -18.47 11.55 13.57
C GLU A 340 -17.53 11.78 12.39
N PHE A 341 -17.91 11.32 11.18
CA PHE A 341 -17.07 11.61 9.98
C PHE A 341 -17.70 12.52 9.03
N GLU A 342 -16.98 13.52 8.56
CA GLU A 342 -17.46 14.46 7.49
C GLU A 342 -16.44 14.62 6.36
N VAL A 343 -16.95 14.99 5.20
CA VAL A 343 -16.16 15.40 4.05
C VAL A 343 -15.62 16.79 4.32
N ALA A 344 -14.31 16.96 4.20
CA ALA A 344 -13.67 18.26 4.25
C ALA A 344 -12.25 18.21 3.67
N SER A 345 -11.87 19.30 3.02
CA SER A 345 -10.50 19.54 2.58
C SER A 345 -9.55 20.01 3.69
N ASP A 346 -8.25 19.68 3.56
CA ASP A 346 -7.25 20.17 4.50
C ASP A 346 -6.93 21.69 4.31
N ARG A 347 -7.35 22.27 3.19
CA ARG A 347 -7.17 23.67 2.97
C ARG A 347 -8.16 24.43 3.86
N GLU A 348 -9.10 23.69 4.46
CA GLU A 348 -10.22 24.31 5.19
C GLU A 348 -10.63 23.71 6.53
N VAL A 349 -10.37 22.43 6.77
CA VAL A 349 -10.70 21.86 8.09
C VAL A 349 -10.11 22.71 9.26
N SER A 350 -10.91 22.94 10.29
CA SER A 350 -10.43 23.56 11.49
C SER A 350 -9.96 22.52 12.51
N VAL A 351 -8.95 22.87 13.30
CA VAL A 351 -8.39 21.98 14.31
C VAL A 351 -8.62 22.53 15.72
N LYS A 352 -9.42 23.60 15.80
CA LYS A 352 -9.80 24.19 17.08
C LYS A 352 -10.38 23.11 17.99
N GLY A 353 -10.04 23.17 19.28
CA GLY A 353 -10.68 22.34 20.31
C GLY A 353 -10.31 20.89 20.58
N PHE A 354 -9.23 20.35 19.97
CA PHE A 354 -8.88 18.94 20.16
C PHE A 354 -7.66 18.74 21.10
N ASP A 355 -7.65 17.64 21.83
CA ASP A 355 -6.46 17.16 22.58
C ASP A 355 -5.35 16.54 21.68
N THR A 356 -5.71 15.63 20.77
CA THR A 356 -4.75 15.17 19.73
C THR A 356 -5.35 15.23 18.33
N VAL A 357 -4.60 15.78 17.36
CA VAL A 357 -4.84 15.64 15.93
C VAL A 357 -3.92 14.49 15.38
N ILE A 358 -4.53 13.41 14.85
CA ILE A 358 -3.88 12.43 13.93
C ILE A 358 -3.92 12.95 12.48
N VAL A 359 -2.77 13.16 11.85
CA VAL A 359 -2.70 13.40 10.42
C VAL A 359 -2.02 12.24 9.60
N ASP A 360 -2.65 11.88 8.47
CA ASP A 360 -2.15 10.78 7.64
C ASP A 360 -2.38 11.19 6.24
N PRO A 361 -1.59 12.16 5.79
CA PRO A 361 -1.68 12.89 4.55
C PRO A 361 -1.38 12.00 3.33
N PRO A 362 -1.89 12.40 2.16
CA PRO A 362 -1.54 11.88 0.82
C PRO A 362 -0.05 12.24 0.53
N ARG A 363 0.45 11.87 -0.67
CA ARG A 363 1.88 12.16 -1.04
C ARG A 363 2.26 13.63 -0.83
N ALA A 364 1.41 14.55 -1.29
CA ALA A 364 1.74 15.97 -1.15
C ALA A 364 2.12 16.44 0.25
N GLY A 365 1.79 15.70 1.31
CA GLY A 365 2.10 16.12 2.70
C GLY A 365 1.00 17.01 3.28
N LEU A 366 1.30 17.77 4.35
CA LEU A 366 0.32 18.72 4.96
C LEU A 366 0.16 19.98 4.07
N HIS A 367 -1.07 20.42 3.85
CA HIS A 367 -1.21 21.69 3.16
C HIS A 367 -0.65 22.78 4.07
N PRO A 368 0.16 23.69 3.53
CA PRO A 368 0.68 24.87 4.25
C PRO A 368 -0.42 25.53 5.13
N ARG A 369 -1.64 25.74 4.60
CA ARG A 369 -2.74 26.26 5.44
C ARG A 369 -3.07 25.42 6.69
N LEU A 370 -2.95 24.08 6.59
CA LEU A 370 -3.30 23.28 7.79
C LEU A 370 -2.16 23.32 8.78
N VAL A 371 -0.92 23.37 8.29
CA VAL A 371 0.23 23.53 9.21
C VAL A 371 0.06 24.86 9.97
N LYS A 372 -0.13 25.96 9.20
CA LYS A 372 -0.53 27.30 9.67
C LYS A 372 -1.53 27.23 10.79
N ARG A 373 -2.63 26.51 10.61
CA ARG A 373 -3.70 26.50 11.59
C ARG A 373 -3.39 25.63 12.79
N LEU A 374 -2.45 24.70 12.61
CA LEU A 374 -2.03 23.80 13.68
C LEU A 374 -1.00 24.50 14.60
N ASN A 375 -0.11 25.25 13.98
CA ASN A 375 0.83 26.18 14.65
C ASN A 375 0.09 27.35 15.28
N ARG A 376 -1.04 27.74 14.69
CA ARG A 376 -1.88 28.73 15.33
C ARG A 376 -2.70 28.19 16.54
N GLU A 377 -3.15 26.95 16.49
CA GLU A 377 -4.01 26.42 17.56
C GLU A 377 -3.23 25.56 18.51
N LYS A 378 -2.05 25.17 18.03
CA LYS A 378 -1.18 24.23 18.73
C LYS A 378 -1.93 23.27 19.69
N PRO A 379 -2.61 22.20 19.16
CA PRO A 379 -3.08 21.10 20.04
C PRO A 379 -1.85 20.39 20.58
N GLY A 380 -1.97 19.87 21.79
CA GLY A 380 -0.83 19.38 22.49
C GLY A 380 -0.13 18.16 21.91
N VAL A 381 -0.82 17.36 21.09
CA VAL A 381 -0.20 16.22 20.40
C VAL A 381 -0.73 16.18 18.97
N ILE A 382 0.17 16.07 18.00
CA ILE A 382 -0.10 15.61 16.66
C ILE A 382 0.61 14.25 16.54
N VAL A 383 -0.12 13.22 16.05
CA VAL A 383 0.42 11.91 15.61
C VAL A 383 0.41 11.94 14.07
N TYR A 384 1.60 11.95 13.48
CA TYR A 384 1.78 11.98 12.05
C TYR A 384 2.10 10.56 11.57
N VAL A 385 1.22 10.04 10.72
CA VAL A 385 1.43 8.77 10.02
C VAL A 385 1.81 9.07 8.57
N SER A 386 2.92 8.50 8.14
CA SER A 386 3.49 8.83 6.82
C SER A 386 4.21 7.63 6.23
N CYS A 387 4.21 7.56 4.90
CA CYS A 387 4.91 6.57 4.09
C CYS A 387 5.94 7.25 3.29
N ASN A 388 6.13 8.53 3.53
CA ASN A 388 7.11 9.32 2.80
C ASN A 388 7.89 10.15 3.75
N PRO A 389 8.93 9.52 4.33
CA PRO A 389 9.73 10.10 5.41
C PRO A 389 10.31 11.50 5.08
N GLU A 390 10.57 11.79 3.81
CA GLU A 390 11.12 13.10 3.41
C GLU A 390 10.11 14.24 3.43
N THR A 391 8.91 14.01 2.87
CA THR A 391 7.78 14.92 3.09
C THR A 391 7.44 15.03 4.60
N PHE A 392 7.42 13.93 5.32
CA PHE A 392 7.28 14.01 6.78
C PHE A 392 8.22 14.99 7.49
N ALA A 393 9.51 14.86 7.20
CA ALA A 393 10.56 15.73 7.75
C ALA A 393 10.40 17.16 7.19
N ARG A 394 10.07 17.29 5.90
CA ARG A 394 9.75 18.61 5.40
C ARG A 394 8.68 19.22 6.28
N ASP A 395 7.59 18.50 6.52
CA ASP A 395 6.48 19.04 7.35
C ASP A 395 6.80 19.23 8.83
N VAL A 396 7.59 18.37 9.46
CA VAL A 396 7.85 18.62 10.90
C VAL A 396 8.71 19.87 11.03
N LYS A 397 9.51 20.20 10.04
CA LYS A 397 10.37 21.36 10.20
C LYS A 397 9.55 22.62 9.99
N MET A 398 8.49 22.53 9.16
CA MET A 398 7.47 23.60 9.02
C MET A 398 6.55 23.72 10.23
N LEU A 399 6.44 22.70 11.08
CA LEU A 399 5.55 22.71 12.25
C LEU A 399 6.24 23.29 13.49
N ASP A 400 5.48 23.95 14.33
CA ASP A 400 6.05 24.42 15.60
C ASP A 400 6.00 23.35 16.63
N TYR A 401 6.71 22.26 16.33
CA TYR A 401 6.58 20.98 17.03
C TYR A 401 7.90 20.20 17.00
N ARG A 402 8.07 19.34 18.01
CA ARG A 402 9.25 18.47 18.16
C ARG A 402 8.86 16.99 18.02
N ILE A 403 9.64 16.20 17.28
CA ILE A 403 9.47 14.74 17.36
C ILE A 403 9.74 14.30 18.80
N ASP A 404 8.74 13.70 19.44
CA ASP A 404 8.85 13.15 20.75
C ASP A 404 9.04 11.63 20.71
N GLU A 405 8.35 10.95 19.80
CA GLU A 405 8.51 9.52 19.67
C GLU A 405 8.32 9.25 18.19
N ILE A 406 8.99 8.18 17.72
CA ILE A 406 8.89 7.77 16.34
C ILE A 406 9.22 6.25 16.27
N VAL A 407 8.47 5.53 15.45
CA VAL A 407 8.64 4.12 15.25
C VAL A 407 8.27 3.97 13.80
N ALA A 408 9.01 3.12 13.06
CA ALA A 408 8.69 2.79 11.68
C ALA A 408 8.11 1.37 11.69
N LEU A 409 7.16 1.09 10.79
CA LEU A 409 6.52 -0.21 10.79
C LEU A 409 6.73 -0.79 9.47
N ASP A 410 7.04 -2.08 9.40
CA ASP A 410 7.37 -2.60 8.07
C ASP A 410 6.02 -2.99 7.41
N MET A 411 5.32 -1.98 6.84
CA MET A 411 3.98 -2.25 6.23
C MET A 411 4.12 -2.92 4.87
N PHE A 412 5.34 -2.78 4.29
CA PHE A 412 5.57 -3.12 2.90
C PHE A 412 6.76 -4.06 2.73
N PRO A 413 6.71 -5.31 3.25
CA PRO A 413 7.81 -6.24 2.98
C PRO A 413 8.20 -6.32 1.51
N HIS A 414 9.51 -6.49 1.22
CA HIS A 414 10.01 -6.76 -0.17
C HIS A 414 10.03 -5.52 -1.09
N THR A 415 9.69 -4.35 -0.58
CA THR A 415 9.77 -3.14 -1.34
C THR A 415 10.60 -2.27 -0.47
N PRO A 416 11.05 -1.16 -0.99
CA PRO A 416 11.79 -0.22 -0.21
C PRO A 416 10.98 0.70 0.66
N HIS A 417 9.63 0.61 0.71
CA HIS A 417 8.85 1.66 1.40
C HIS A 417 8.72 1.27 2.85
N VAL A 418 8.54 2.24 3.70
CA VAL A 418 8.29 1.96 5.06
C VAL A 418 7.16 2.91 5.58
N GLU A 419 6.57 2.64 6.72
CA GLU A 419 5.56 3.52 7.33
C GLU A 419 5.97 4.10 8.71
N LEU A 420 6.00 5.40 8.87
CA LEU A 420 6.41 6.09 10.14
C LEU A 420 5.17 6.41 10.96
N VAL A 421 5.20 6.15 12.26
CA VAL A 421 4.26 6.73 13.24
C VAL A 421 5.08 7.61 14.26
N ALA A 422 4.94 8.95 14.21
CA ALA A 422 5.59 9.94 15.14
C ALA A 422 4.61 10.72 16.04
N LYS A 423 4.89 10.80 17.34
CA LYS A 423 4.20 11.67 18.34
C LYS A 423 4.92 13.01 18.40
N LEU A 424 4.21 14.10 18.04
CA LEU A 424 4.79 15.41 17.85
C LEU A 424 4.26 16.22 18.99
N VAL A 425 5.08 17.16 19.42
CA VAL A 425 4.77 17.94 20.62
C VAL A 425 5.52 19.24 20.60
#